data_8HUU
#
_entry.id   8HUU
#
_cell.length_a   62.866
_cell.length_b   81.803
_cell.length_c   64.108
_cell.angle_alpha   90.000
_cell.angle_beta   108.486
_cell.angle_gamma   90.000
#
_symmetry.space_group_name_H-M   'P 1 21 1'
#
loop_
_entity.id
_entity.type
_entity.pdbx_description
1 polymer '3C-like proteinase'
2 non-polymer 6-[(6-chloranyl-2-methyl-indazol-5-yl)amino]-3-[(1-methyl-1,2,4-triazol-3-yl)methyl]-1-[[2,4,5-tris(fluoranyl)phenyl]methyl]-1,3,5-triazine-2,4-dione
3 water water
#
_entity_poly.entity_id   1
_entity_poly.type   'polypeptide(L)'
_entity_poly.pdbx_seq_one_letter_code
;LKKMAQPSGCVERCVVRVCYGSTVLNGVWLGDTVTCPRHVIAPSTTVLIDYDHAYSTMRLHNFSVSHNGVFLGVVGVTMH
GSVLRIKVSQSNVHTPKHVFKTLKPGDSFNILACYEGIASGVFGVNLRTNFTIKGSFINGACGSPGYNVRNDGTVEFCYL
HQIELGSGAHVGSDFTGSVYGNFDDQPSLQVESANLMLSDNVVAFLYAALLNGCRWWLCSTRVNVDGFNEWAMANGYTSV
SSVECYSILAAKTGVSVEQLLASIQHLHEGFGGKNILGYSSLCDEFTLAEVVKQMYGV
;
_entity_poly.pdbx_strand_id   A,B
#
loop_
_chem_comp.id
_chem_comp.type
_chem_comp.name
_chem_comp.formula
7YY non-polymer 6-[(6-chloranyl-2-methyl-indazol-5-yl)amino]-3-[(1-methyl-1,2,4-triazol-3-yl)methyl]-1-[[2,4,5-tris(fluoranyl)phenyl]methyl]-1,3,5-triazine-2,4-dione 'C22 H17 Cl F3 N9 O2'
#
# COMPACT_ATOMS: atom_id res chain seq x y z
N LEU A 1 11.26 6.15 0.89
CA LEU A 1 9.98 6.20 1.63
C LEU A 1 8.87 5.64 0.77
N LYS A 2 8.05 4.77 1.34
CA LYS A 2 6.91 4.23 0.61
C LYS A 2 5.77 4.07 1.59
N LYS A 3 4.58 4.57 1.23
CA LYS A 3 3.42 4.33 2.07
C LYS A 3 3.07 2.85 1.98
N MET A 4 3.01 2.17 3.12
CA MET A 4 2.70 0.76 3.08
C MET A 4 1.70 0.44 4.17
N ALA A 5 1.08 -0.72 4.04
CA ALA A 5 0.13 -1.21 5.03
C ALA A 5 0.77 -2.30 5.87
N GLN A 6 0.29 -2.44 7.10
CA GLN A 6 0.68 -3.58 7.91
C GLN A 6 -0.05 -4.81 7.39
N PRO A 7 0.51 -6.00 7.58
CA PRO A 7 -0.06 -7.19 6.95
C PRO A 7 -1.51 -7.37 7.37
N SER A 8 -2.33 -7.86 6.45
CA SER A 8 -3.77 -7.87 6.62
C SER A 8 -4.34 -9.21 7.08
N GLY A 9 -3.51 -10.25 7.18
CA GLY A 9 -4.05 -11.59 7.37
C GLY A 9 -4.98 -11.72 8.56
N CYS A 10 -4.57 -11.18 9.71
CA CYS A 10 -5.38 -11.38 10.90
C CYS A 10 -6.71 -10.64 10.81
N VAL A 11 -6.79 -9.55 10.02
CA VAL A 11 -8.05 -8.82 9.83
C VAL A 11 -8.94 -9.50 8.79
N GLU A 12 -8.32 -10.03 7.71
CA GLU A 12 -9.09 -10.76 6.71
C GLU A 12 -9.97 -11.84 7.34
N ARG A 13 -9.45 -12.50 8.37
CA ARG A 13 -10.19 -13.58 9.03
C ARG A 13 -11.38 -13.08 9.84
N CYS A 14 -11.57 -11.77 9.96
CA CYS A 14 -12.70 -11.20 10.67
C CYS A 14 -13.73 -10.54 9.77
N VAL A 15 -13.46 -10.39 8.47
CA VAL A 15 -14.37 -9.70 7.57
C VAL A 15 -15.54 -10.59 7.22
N VAL A 16 -16.75 -10.04 7.32
CA VAL A 16 -17.96 -10.76 6.93
C VAL A 16 -18.78 -9.90 6.00
N ARG A 17 -19.70 -10.56 5.30
CA ARG A 17 -20.71 -9.92 4.48
C ARG A 17 -21.99 -9.83 5.31
N VAL A 18 -22.55 -8.64 5.41
CA VAL A 18 -23.79 -8.44 6.17
C VAL A 18 -24.86 -7.95 5.21
N CYS A 19 -26.00 -8.64 5.20
CA CYS A 19 -27.08 -8.27 4.30
C CYS A 19 -28.34 -8.08 5.13
N TYR A 20 -29.13 -7.06 4.79
CA TYR A 20 -30.44 -6.88 5.40
C TYR A 20 -31.40 -6.54 4.28
N GLY A 21 -32.37 -7.41 4.00
CA GLY A 21 -33.16 -7.21 2.80
C GLY A 21 -32.28 -7.34 1.57
N SER A 22 -32.24 -6.28 0.75
CA SER A 22 -31.40 -6.28 -0.43
C SER A 22 -30.12 -5.47 -0.26
N THR A 23 -29.93 -4.87 0.91
CA THR A 23 -28.78 -4.01 1.16
C THR A 23 -27.62 -4.86 1.70
N VAL A 24 -26.44 -4.69 1.11
CA VAL A 24 -25.29 -5.56 1.40
C VAL A 24 -24.08 -4.68 1.69
N LEU A 25 -23.44 -4.92 2.83
CA LEU A 25 -22.17 -4.24 3.09
C LEU A 25 -21.27 -5.18 3.88
N ASN A 26 -20.18 -4.64 4.43
CA ASN A 26 -19.19 -5.40 5.15
C ASN A 26 -19.33 -5.19 6.66
N GLY A 27 -18.93 -6.22 7.43
CA GLY A 27 -18.81 -6.10 8.86
C GLY A 27 -17.56 -6.79 9.38
N VAL A 28 -17.34 -6.67 10.69
CA VAL A 28 -16.16 -7.22 11.35
C VAL A 28 -16.61 -8.11 12.49
N TRP A 29 -16.14 -9.36 12.48
CA TRP A 29 -16.59 -10.44 13.37
C TRP A 29 -15.51 -10.70 14.39
N LEU A 30 -15.80 -10.40 15.65
CA LEU A 30 -14.88 -10.53 16.78
C LEU A 30 -15.63 -11.22 17.91
N GLY A 31 -15.11 -12.33 18.40
CA GLY A 31 -15.90 -13.10 19.36
C GLY A 31 -17.21 -13.51 18.73
N ASP A 32 -18.31 -13.34 19.46
CA ASP A 32 -19.62 -13.66 18.91
C ASP A 32 -20.37 -12.42 18.42
N THR A 33 -19.67 -11.36 18.05
CA THR A 33 -20.28 -10.09 17.69
C THR A 33 -19.78 -9.64 16.32
N VAL A 34 -20.70 -9.23 15.47
CA VAL A 34 -20.38 -8.55 14.20
C VAL A 34 -20.73 -7.08 14.34
N THR A 35 -19.76 -6.20 14.06
CA THR A 35 -20.02 -4.77 13.99
C THR A 35 -20.05 -4.34 12.54
N CYS A 36 -21.05 -3.54 12.16
CA CYS A 36 -21.18 -3.05 10.80
C CYS A 36 -21.91 -1.72 10.81
N PRO A 37 -21.80 -0.92 9.74
CA PRO A 37 -22.58 0.32 9.66
C PRO A 37 -24.08 0.05 9.76
N ARG A 38 -24.78 0.90 10.50
CA ARG A 38 -26.22 0.71 10.63
C ARG A 38 -26.97 0.99 9.34
N HIS A 39 -26.32 1.60 8.34
CA HIS A 39 -27.01 1.84 7.08
C HIS A 39 -27.57 0.57 6.45
N VAL A 40 -27.06 -0.61 6.85
CA VAL A 40 -27.55 -1.85 6.26
C VAL A 40 -29.06 -2.01 6.48
N ILE A 41 -29.64 -1.40 7.52
CA ILE A 41 -31.08 -1.50 7.75
C ILE A 41 -31.85 -0.31 7.18
N ALA A 42 -31.21 0.55 6.41
CA ALA A 42 -31.94 1.70 5.86
C ALA A 42 -32.92 1.25 4.78
N PRO A 43 -34.12 1.82 4.75
CA PRO A 43 -35.03 1.56 3.63
C PRO A 43 -34.50 2.20 2.36
N SER A 44 -35.15 1.87 1.25
CA SER A 44 -34.79 2.44 -0.04
C SER A 44 -35.63 3.70 -0.27
N THR A 45 -35.18 4.82 0.29
CA THR A 45 -35.86 6.09 0.07
C THR A 45 -35.12 6.94 -0.95
N LEU A 48 -34.05 11.35 3.85
CA LEU A 48 -33.59 11.42 5.23
C LEU A 48 -34.08 10.20 6.03
N ILE A 49 -33.13 9.38 6.45
CA ILE A 49 -33.43 8.07 7.03
C ILE A 49 -33.72 8.21 8.52
N ASP A 50 -34.85 7.66 8.95
CA ASP A 50 -35.16 7.60 10.38
C ASP A 50 -34.66 6.27 10.90
N TYR A 51 -33.42 6.28 11.42
CA TYR A 51 -32.83 5.05 11.91
C TYR A 51 -33.54 4.52 13.14
N ASP A 52 -34.06 5.41 13.99
CA ASP A 52 -34.82 4.95 15.15
C ASP A 52 -36.01 4.13 14.72
N HIS A 53 -36.72 4.57 13.68
CA HIS A 53 -37.87 3.81 13.20
C HIS A 53 -37.43 2.52 12.52
N ALA A 54 -36.37 2.59 11.69
CA ALA A 54 -35.87 1.38 11.06
C ALA A 54 -35.45 0.34 12.10
N TYR A 55 -34.86 0.79 13.21
CA TYR A 55 -34.41 -0.15 14.23
C TYR A 55 -35.59 -0.76 14.97
N SER A 56 -36.62 0.04 15.24
CA SER A 56 -37.76 -0.44 16.01
C SER A 56 -38.58 -1.47 15.24
N THR A 57 -38.56 -1.39 13.91
CA THR A 57 -39.31 -2.34 13.07
C THR A 57 -38.42 -3.46 12.53
N MET A 58 -37.15 -3.46 12.90
CA MET A 58 -36.21 -4.47 12.43
C MET A 58 -36.68 -5.87 12.83
N ARG A 59 -36.46 -6.84 11.93
CA ARG A 59 -36.70 -8.24 12.23
C ARG A 59 -35.43 -9.03 11.97
N LEU A 60 -35.03 -9.86 12.96
CA LEU A 60 -33.76 -10.57 12.86
C LEU A 60 -33.72 -11.47 11.63
N HIS A 61 -34.86 -12.01 11.21
CA HIS A 61 -34.85 -12.91 10.06
C HIS A 61 -34.48 -12.23 8.75
N ASN A 62 -34.50 -10.90 8.68
CA ASN A 62 -34.10 -10.20 7.45
C ASN A 62 -32.58 -10.12 7.29
N PHE A 63 -31.83 -10.42 8.35
CA PHE A 63 -30.37 -10.42 8.29
C PHE A 63 -29.81 -11.70 7.70
N SER A 64 -28.72 -11.54 6.97
CA SER A 64 -27.87 -12.65 6.56
C SER A 64 -26.43 -12.20 6.79
N VAL A 65 -25.64 -13.04 7.44
CA VAL A 65 -24.25 -12.74 7.78
C VAL A 65 -23.42 -13.94 7.41
N SER A 66 -22.33 -13.73 6.66
CA SER A 66 -21.52 -14.85 6.22
C SER A 66 -20.04 -14.49 6.24
N HIS A 67 -19.21 -15.49 6.52
CA HIS A 67 -17.75 -15.40 6.44
C HIS A 67 -17.30 -16.39 5.37
N ASN A 68 -16.75 -15.85 4.27
CA ASN A 68 -16.25 -16.67 3.17
C ASN A 68 -17.32 -17.66 2.71
N GLY A 69 -18.55 -17.16 2.58
CA GLY A 69 -19.66 -17.94 2.07
C GLY A 69 -20.32 -18.85 3.09
N VAL A 70 -19.85 -18.87 4.33
CA VAL A 70 -20.44 -19.68 5.39
C VAL A 70 -21.35 -18.80 6.23
N PHE A 71 -22.63 -19.14 6.29
CA PHE A 71 -23.62 -18.25 6.90
C PHE A 71 -23.74 -18.49 8.41
N LEU A 72 -23.82 -17.39 9.15
CA LEU A 72 -23.84 -17.41 10.61
C LEU A 72 -25.26 -17.13 11.10
N GLY A 73 -25.65 -17.81 12.17
CA GLY A 73 -26.96 -17.54 12.74
C GLY A 73 -26.95 -16.22 13.49
N VAL A 74 -28.05 -15.48 13.36
CA VAL A 74 -28.19 -14.17 13.97
C VAL A 74 -29.10 -14.29 15.18
N VAL A 75 -28.61 -13.83 16.34
CA VAL A 75 -29.26 -14.08 17.63
C VAL A 75 -29.90 -12.81 18.20
N GLY A 76 -29.28 -11.67 17.97
CA GLY A 76 -29.79 -10.39 18.46
C GLY A 76 -29.01 -9.25 17.84
N VAL A 77 -29.57 -8.05 17.92
CA VAL A 77 -28.97 -6.86 17.31
C VAL A 77 -29.28 -5.65 18.19
N THR A 78 -28.25 -4.86 18.49
CA THR A 78 -28.40 -3.57 19.14
C THR A 78 -27.75 -2.48 18.30
N MET A 79 -28.25 -1.25 18.41
CA MET A 79 -27.76 -0.10 17.67
C MET A 79 -26.98 0.80 18.61
N HIS A 80 -25.79 1.23 18.17
CA HIS A 80 -24.90 2.07 18.95
C HIS A 80 -24.38 3.16 18.03
N GLY A 81 -24.95 4.35 18.14
CA GLY A 81 -24.57 5.42 17.23
C GLY A 81 -24.81 5.01 15.79
N SER A 82 -23.76 5.04 14.98
CA SER A 82 -23.84 4.75 13.56
C SER A 82 -23.50 3.29 13.21
N VAL A 83 -23.39 2.39 14.19
CA VAL A 83 -23.08 0.99 13.92
C VAL A 83 -24.14 0.10 14.58
N LEU A 84 -24.21 -1.13 14.08
CA LEU A 84 -24.97 -2.19 14.72
C LEU A 84 -24.01 -3.18 15.34
N ARG A 85 -24.43 -3.78 16.45
CA ARG A 85 -23.71 -4.89 17.06
C ARG A 85 -24.60 -6.12 16.92
N ILE A 86 -24.22 -7.02 16.03
CA ILE A 86 -25.00 -8.20 15.70
C ILE A 86 -24.42 -9.39 16.46
N LYS A 87 -25.21 -9.96 17.37
CA LYS A 87 -24.78 -11.17 18.04
C LYS A 87 -25.09 -12.37 17.16
N VAL A 88 -24.08 -13.22 16.94
CA VAL A 88 -24.23 -14.41 16.11
C VAL A 88 -24.07 -15.66 16.98
N SER A 89 -24.48 -16.83 16.43
CA SER A 89 -24.59 -18.02 17.28
C SER A 89 -23.28 -18.75 17.49
N GLN A 90 -22.15 -18.23 17.01
CA GLN A 90 -20.87 -18.83 17.32
C GLN A 90 -19.82 -17.74 17.34
N SER A 91 -18.72 -18.01 18.03
CA SER A 91 -17.61 -17.07 18.11
C SER A 91 -16.62 -17.34 16.98
N ASN A 92 -15.99 -16.26 16.53
CA ASN A 92 -14.94 -16.37 15.53
C ASN A 92 -13.71 -17.01 16.15
N VAL A 93 -13.39 -18.24 15.75
CA VAL A 93 -12.23 -18.93 16.32
C VAL A 93 -10.91 -18.30 15.93
N HIS A 94 -10.93 -17.37 14.98
CA HIS A 94 -9.73 -16.65 14.57
C HIS A 94 -9.73 -15.20 15.04
N THR A 95 -10.46 -14.88 16.11
CA THR A 95 -10.45 -13.53 16.66
C THR A 95 -9.04 -13.19 17.16
N PRO A 96 -8.40 -12.15 16.62
CA PRO A 96 -7.07 -11.79 17.11
C PRO A 96 -7.15 -11.04 18.43
N LYS A 97 -6.06 -11.08 19.19
CA LYS A 97 -5.94 -10.18 20.33
C LYS A 97 -6.17 -8.75 19.86
N HIS A 98 -7.06 -8.03 20.53
CA HIS A 98 -7.46 -6.75 19.95
C HIS A 98 -8.04 -5.80 20.99
N VAL A 99 -8.08 -4.53 20.60
CA VAL A 99 -8.74 -3.45 21.34
C VAL A 99 -9.44 -2.57 20.32
N PHE A 100 -10.25 -1.66 20.82
CA PHE A 100 -10.81 -0.61 19.97
C PHE A 100 -10.16 0.72 20.34
N LYS A 101 -9.80 1.49 19.31
CA LYS A 101 -9.15 2.78 19.52
C LYS A 101 -9.76 3.81 18.59
N THR A 102 -10.05 4.99 19.12
CA THR A 102 -10.54 6.09 18.30
C THR A 102 -9.37 6.93 17.79
N LEU A 103 -9.30 7.11 16.48
CA LEU A 103 -8.19 7.84 15.90
C LEU A 103 -8.32 9.33 16.19
N LYS A 104 -7.18 10.04 16.11
CA LYS A 104 -7.14 11.49 16.12
C LYS A 104 -6.49 11.97 14.83
N PRO A 105 -6.82 13.17 14.33
CA PRO A 105 -6.17 13.67 13.12
C PRO A 105 -4.65 13.57 13.23
N GLY A 106 -4.01 13.21 12.11
CA GLY A 106 -2.60 12.91 12.10
C GLY A 106 -2.23 11.46 12.37
N ASP A 107 -3.16 10.63 12.85
CA ASP A 107 -2.89 9.22 13.06
C ASP A 107 -2.86 8.50 11.72
N SER A 108 -1.86 7.67 11.50
CA SER A 108 -1.84 6.76 10.38
C SER A 108 -2.54 5.48 10.77
N PHE A 109 -3.12 4.81 9.78
CA PHE A 109 -3.72 3.49 10.01
C PHE A 109 -3.83 2.78 8.67
N ASN A 110 -4.30 1.55 8.72
CA ASN A 110 -4.42 0.69 7.55
C ASN A 110 -5.88 0.50 7.21
N ILE A 111 -6.21 0.54 5.92
CA ILE A 111 -7.55 0.21 5.44
C ILE A 111 -7.49 -1.14 4.73
N LEU A 112 -8.42 -2.03 5.06
CA LEU A 112 -8.63 -3.24 4.28
C LEU A 112 -9.92 -3.03 3.49
N ALA A 113 -9.80 -2.70 2.20
CA ALA A 113 -10.95 -2.42 1.36
C ALA A 113 -11.63 -3.73 0.99
N CYS A 114 -12.93 -3.85 1.30
CA CYS A 114 -13.66 -5.10 1.18
C CYS A 114 -14.92 -4.87 0.37
N TYR A 115 -15.35 -5.93 -0.31
CA TYR A 115 -16.55 -5.91 -1.15
C TYR A 115 -17.25 -7.24 -0.98
N GLU A 116 -18.54 -7.21 -0.63
CA GLU A 116 -19.30 -8.44 -0.41
C GLU A 116 -18.63 -9.35 0.64
N GLY A 117 -18.02 -8.75 1.67
CA GLY A 117 -17.37 -9.52 2.70
C GLY A 117 -16.02 -10.11 2.32
N ILE A 118 -15.43 -9.69 1.21
CA ILE A 118 -14.18 -10.24 0.70
C ILE A 118 -13.18 -9.10 0.51
N ALA A 119 -12.01 -9.23 1.13
CA ALA A 119 -11.00 -8.19 1.00
C ALA A 119 -10.45 -8.17 -0.41
N SER A 120 -10.24 -6.97 -0.94
CA SER A 120 -9.64 -6.84 -2.25
C SER A 120 -8.38 -5.99 -2.28
N GLY A 121 -8.16 -5.13 -1.29
CA GLY A 121 -6.95 -4.32 -1.29
C GLY A 121 -6.63 -3.80 0.10
N VAL A 122 -5.38 -3.40 0.29
CA VAL A 122 -4.95 -2.90 1.59
C VAL A 122 -3.98 -1.74 1.37
N PHE A 123 -4.13 -0.68 2.17
CA PHE A 123 -3.30 0.50 1.98
C PHE A 123 -3.27 1.31 3.27
N GLY A 124 -2.22 2.11 3.42
CA GLY A 124 -2.12 3.02 4.54
C GLY A 124 -2.69 4.39 4.22
N VAL A 125 -3.25 5.03 5.24
CA VAL A 125 -3.88 6.34 5.11
C VAL A 125 -3.61 7.11 6.39
N ASN A 126 -3.84 8.41 6.32
CA ASN A 126 -3.75 9.31 7.46
C ASN A 126 -5.11 9.92 7.71
N LEU A 127 -5.56 9.93 8.97
CA LEU A 127 -6.74 10.71 9.31
C LEU A 127 -6.41 12.19 9.18
N ARG A 128 -7.13 12.90 8.32
CA ARG A 128 -6.82 14.30 8.08
C ARG A 128 -7.51 15.19 9.12
N THR A 129 -7.10 16.47 9.14
CA THR A 129 -7.65 17.39 10.14
C THR A 129 -9.13 17.65 9.95
N ASN A 130 -9.66 17.43 8.75
CA ASN A 130 -11.10 17.53 8.53
C ASN A 130 -11.81 16.21 8.78
N PHE A 131 -11.11 15.23 9.36
CA PHE A 131 -11.66 13.96 9.82
C PHE A 131 -12.09 13.06 8.68
N THR A 132 -11.59 13.31 7.47
CA THR A 132 -11.79 12.44 6.32
C THR A 132 -10.49 11.76 5.98
N ILE A 133 -10.57 10.72 5.15
CA ILE A 133 -9.39 10.09 4.58
C ILE A 133 -9.51 10.11 3.07
N LYS A 134 -8.38 9.95 2.40
CA LYS A 134 -8.33 9.80 0.95
C LYS A 134 -8.03 8.34 0.65
N GLY A 135 -9.08 7.53 0.59
CA GLY A 135 -8.94 6.15 0.20
C GLY A 135 -9.17 5.96 -1.28
N SER A 136 -9.22 4.69 -1.68
CA SER A 136 -9.72 4.27 -2.98
C SER A 136 -10.82 3.26 -2.69
N PHE A 137 -12.07 3.69 -2.87
CA PHE A 137 -13.25 2.91 -2.55
C PHE A 137 -14.25 3.09 -3.66
N ILE A 138 -14.89 1.99 -4.08
CA ILE A 138 -16.04 2.13 -4.95
C ILE A 138 -17.26 1.59 -4.21
N ASN A 139 -18.40 1.61 -4.90
CA ASN A 139 -19.62 1.13 -4.30
C ASN A 139 -19.47 -0.29 -3.82
N GLY A 140 -19.95 -0.54 -2.61
CA GLY A 140 -19.84 -1.84 -1.95
C GLY A 140 -18.80 -1.86 -0.85
N ALA A 141 -18.02 -0.80 -0.71
CA ALA A 141 -16.93 -0.75 0.26
C ALA A 141 -17.41 -0.41 1.67
N CYS A 142 -18.67 0.01 1.84
CA CYS A 142 -19.18 0.36 3.16
C CYS A 142 -18.90 -0.75 4.18
N GLY A 143 -18.42 -0.37 5.36
CA GLY A 143 -18.06 -1.33 6.38
C GLY A 143 -16.62 -1.81 6.34
N SER A 144 -15.84 -1.40 5.33
CA SER A 144 -14.44 -1.80 5.25
C SER A 144 -13.71 -1.34 6.50
N PRO A 145 -12.93 -2.19 7.15
CA PRO A 145 -12.33 -1.83 8.43
C PRO A 145 -10.96 -1.18 8.27
N GLY A 146 -10.66 -0.30 9.22
CA GLY A 146 -9.33 0.24 9.40
C GLY A 146 -8.76 -0.27 10.71
N TYR A 147 -7.44 -0.42 10.74
CA TYR A 147 -6.79 -1.09 11.87
C TYR A 147 -5.34 -0.62 11.95
N ASN A 148 -4.75 -0.87 13.12
CA ASN A 148 -3.31 -0.79 13.35
C ASN A 148 -2.90 -2.03 14.14
N VAL A 149 -1.66 -2.46 13.97
CA VAL A 149 -1.15 -3.61 14.72
C VAL A 149 -0.04 -3.10 15.64
N ARG A 150 -0.21 -3.30 16.95
CA ARG A 150 0.80 -2.86 17.88
C ARG A 150 2.02 -3.78 17.82
N ASN A 151 3.12 -3.30 18.40
CA ASN A 151 4.34 -4.10 18.39
C ASN A 151 4.14 -5.44 19.08
N ASP A 152 3.27 -5.50 20.09
CA ASP A 152 3.04 -6.77 20.76
C ASP A 152 2.02 -7.66 20.04
N GLY A 153 1.53 -7.23 18.88
CA GLY A 153 0.59 -8.04 18.10
C GLY A 153 -0.87 -7.72 18.33
N THR A 154 -1.19 -6.84 19.26
CA THR A 154 -2.59 -6.44 19.49
C THR A 154 -3.09 -5.62 18.31
N VAL A 155 -4.25 -6.00 17.79
CA VAL A 155 -4.87 -5.26 16.69
C VAL A 155 -5.76 -4.17 17.28
N GLU A 156 -5.54 -2.93 16.85
CA GLU A 156 -6.41 -1.82 17.20
C GLU A 156 -7.43 -1.65 16.07
N PHE A 157 -8.70 -1.90 16.36
CA PHE A 157 -9.76 -1.64 15.37
C PHE A 157 -10.24 -0.21 15.55
N CYS A 158 -10.14 0.59 14.48
CA CYS A 158 -10.31 2.02 14.61
C CYS A 158 -11.23 2.68 13.59
N TYR A 159 -11.70 1.97 12.57
CA TYR A 159 -12.43 2.63 11.49
C TYR A 159 -13.36 1.63 10.82
N LEU A 160 -14.60 2.05 10.55
CA LEU A 160 -15.52 1.32 9.69
C LEU A 160 -15.98 2.28 8.61
N HIS A 161 -15.74 1.93 7.36
CA HIS A 161 -16.04 2.86 6.28
C HIS A 161 -17.55 3.11 6.18
N GLN A 162 -17.93 4.37 5.98
CA GLN A 162 -19.34 4.75 5.88
C GLN A 162 -19.66 5.35 4.52
N ILE A 163 -19.16 6.54 4.20
CA ILE A 163 -19.64 7.28 3.02
C ILE A 163 -18.49 7.90 2.24
N GLU A 164 -18.79 8.23 0.98
CA GLU A 164 -17.92 9.05 0.16
C GLU A 164 -18.61 10.39 -0.10
N LEU A 165 -17.95 11.48 0.27
CA LEU A 165 -18.52 12.80 0.05
C LEU A 165 -18.43 13.19 -1.42
N GLY A 166 -19.10 14.30 -1.77
CA GLY A 166 -19.06 14.77 -3.14
C GLY A 166 -17.66 15.05 -3.64
N SER A 167 -16.77 15.52 -2.75
CA SER A 167 -15.38 15.79 -3.10
C SER A 167 -14.59 14.52 -3.41
N GLY A 168 -15.14 13.34 -3.12
CA GLY A 168 -14.37 12.12 -3.16
C GLY A 168 -13.75 11.73 -1.83
N ALA A 169 -13.79 12.63 -0.84
CA ALA A 169 -13.25 12.32 0.47
C ALA A 169 -14.10 11.28 1.17
N HIS A 170 -13.47 10.51 2.04
CA HIS A 170 -14.10 9.35 2.67
C HIS A 170 -14.28 9.55 4.17
N VAL A 171 -15.42 9.10 4.67
CA VAL A 171 -15.83 9.28 6.05
C VAL A 171 -16.19 7.92 6.64
N GLY A 172 -15.74 7.66 7.87
CA GLY A 172 -16.09 6.43 8.56
C GLY A 172 -16.39 6.67 10.02
N SER A 173 -16.70 5.59 10.72
CA SER A 173 -17.00 5.66 12.15
C SER A 173 -15.97 4.83 12.92
N ASP A 174 -15.93 5.01 14.24
CA ASP A 174 -15.16 4.08 15.03
C ASP A 174 -16.09 2.95 15.49
N PHE A 175 -15.54 1.97 16.21
CA PHE A 175 -16.34 0.80 16.57
C PHE A 175 -17.31 1.05 17.72
N THR A 176 -17.29 2.23 18.32
CA THR A 176 -18.32 2.61 19.28
C THR A 176 -19.53 3.25 18.59
N GLY A 177 -19.43 3.53 17.29
CA GLY A 177 -20.51 4.14 16.56
C GLY A 177 -20.39 5.63 16.35
N SER A 178 -19.33 6.27 16.86
CA SER A 178 -19.12 7.69 16.61
C SER A 178 -18.59 7.89 15.19
N VAL A 179 -19.25 8.75 14.42
CA VAL A 179 -18.71 9.08 13.10
C VAL A 179 -17.58 10.09 13.27
N TYR A 180 -16.45 9.82 12.62
CA TYR A 180 -15.34 10.77 12.67
C TYR A 180 -15.75 12.11 12.07
N GLY A 181 -15.49 13.21 12.78
CA GLY A 181 -15.90 14.52 12.34
C GLY A 181 -17.39 14.79 12.48
N ASN A 182 -18.15 13.85 13.02
CA ASN A 182 -19.57 14.04 13.28
C ASN A 182 -20.36 14.35 12.03
N PHE A 183 -19.87 13.87 10.88
CA PHE A 183 -20.72 13.74 9.72
C PHE A 183 -21.92 12.84 10.03
N ASP A 184 -22.95 12.96 9.20
CA ASP A 184 -24.13 12.13 9.32
C ASP A 184 -24.01 10.91 8.41
N ASP A 185 -24.47 9.75 8.89
CA ASP A 185 -24.56 8.59 8.01
C ASP A 185 -25.89 8.64 7.27
N GLN A 186 -25.99 9.65 6.40
CA GLN A 186 -27.12 10.00 5.56
C GLN A 186 -26.64 10.29 4.15
N PRO A 187 -27.50 10.09 3.14
CA PRO A 187 -27.07 10.40 1.76
C PRO A 187 -27.20 11.88 1.41
N SER A 188 -27.18 12.73 2.43
CA SER A 188 -27.30 14.17 2.26
C SER A 188 -25.99 14.74 1.71
N LEU A 189 -26.10 15.93 1.11
CA LEU A 189 -24.91 16.67 0.73
C LEU A 189 -24.24 17.18 2.00
N GLN A 190 -23.00 16.76 2.22
CA GLN A 190 -22.19 17.27 3.31
C GLN A 190 -20.82 17.65 2.76
N VAL A 191 -20.29 18.76 3.26
CA VAL A 191 -19.01 19.26 2.77
C VAL A 191 -18.03 19.32 3.95
N GLU A 192 -16.88 18.70 3.79
CA GLU A 192 -15.86 18.70 4.82
C GLU A 192 -15.12 20.04 4.84
N SER A 193 -14.50 20.34 5.97
CA SER A 193 -13.74 21.57 6.06
C SER A 193 -12.40 21.43 5.31
N ALA A 194 -11.70 22.55 5.18
CA ALA A 194 -10.46 22.56 4.43
C ALA A 194 -9.41 21.71 5.13
N ASN A 195 -8.72 20.90 4.35
CA ASN A 195 -7.63 20.08 4.87
C ASN A 195 -6.42 20.96 5.20
N LEU A 196 -5.80 20.71 6.35
CA LEU A 196 -4.56 21.37 6.72
C LEU A 196 -3.39 20.42 6.53
N MET A 197 -2.25 20.97 6.11
CA MET A 197 -1.03 20.18 6.02
C MET A 197 -0.61 19.74 7.42
N LEU A 198 -0.33 18.46 7.58
CA LEU A 198 0.10 17.90 8.86
C LEU A 198 1.58 18.23 9.07
N SER A 199 1.84 19.30 9.82
CA SER A 199 3.22 19.79 9.99
C SER A 199 4.14 18.74 10.61
N ASP A 200 3.63 17.93 11.54
CA ASP A 200 4.46 16.88 12.13
C ASP A 200 5.03 15.96 11.06
N ASN A 201 4.21 15.64 10.07
CA ASN A 201 4.61 14.76 8.98
C ASN A 201 5.58 15.46 8.04
N VAL A 202 5.37 16.76 7.80
CA VAL A 202 6.27 17.50 6.93
C VAL A 202 7.66 17.59 7.55
N VAL A 203 7.72 17.80 8.88
CA VAL A 203 9.03 17.80 9.53
C VAL A 203 9.71 16.44 9.37
N ALA A 204 8.97 15.35 9.55
CA ALA A 204 9.54 14.02 9.34
C ALA A 204 10.04 13.85 7.90
N PHE A 205 9.27 14.33 6.94
CA PHE A 205 9.63 14.23 5.53
C PHE A 205 10.92 14.99 5.24
N LEU A 206 11.08 16.18 5.82
CA LEU A 206 12.30 16.95 5.60
C LEU A 206 13.51 16.27 6.24
N TYR A 207 13.33 15.61 7.39
CA TYR A 207 14.44 14.85 7.95
C TYR A 207 14.80 13.68 7.05
N ALA A 208 13.81 12.99 6.47
CA ALA A 208 14.10 11.93 5.51
C ALA A 208 14.92 12.46 4.33
N ALA A 209 14.55 13.64 3.81
CA ALA A 209 15.31 14.23 2.71
C ALA A 209 16.75 14.47 3.11
N LEU A 210 16.98 15.08 4.28
CA LEU A 210 18.34 15.33 4.74
C LEU A 210 19.13 14.04 4.84
N LEU A 211 18.51 12.98 5.36
CA LEU A 211 19.19 11.70 5.49
C LEU A 211 19.44 11.04 4.14
N ASN A 212 18.76 11.49 3.08
CA ASN A 212 19.00 11.00 1.74
C ASN A 212 19.92 11.92 0.94
N GLY A 213 20.55 12.90 1.58
CA GLY A 213 21.46 13.81 0.90
C GLY A 213 20.80 14.95 0.16
N CYS A 214 19.48 15.13 0.32
CA CYS A 214 18.77 16.22 -0.33
C CYS A 214 18.67 17.38 0.65
N ARG A 215 19.45 18.44 0.42
CA ARG A 215 19.49 19.53 1.37
C ARG A 215 19.55 20.91 0.73
N TRP A 216 19.31 21.02 -0.59
CA TRP A 216 19.36 22.31 -1.27
C TRP A 216 18.42 23.34 -0.64
N TRP A 217 17.34 22.87 0.00
CA TRP A 217 16.24 23.69 0.50
C TRP A 217 16.43 24.12 1.95
N LEU A 218 17.47 23.65 2.62
CA LEU A 218 17.56 23.78 4.08
C LEU A 218 17.81 25.22 4.50
N CYS A 219 17.01 25.72 5.45
CA CYS A 219 17.17 27.06 6.00
C CYS A 219 18.08 27.01 7.22
N SER A 220 19.01 27.97 7.29
CA SER A 220 19.73 28.21 8.54
C SER A 220 18.93 29.03 9.54
N THR A 221 17.93 29.79 9.07
CA THR A 221 17.00 30.48 9.95
C THR A 221 16.31 29.49 10.89
N ARG A 222 15.96 29.95 12.08
CA ARG A 222 15.16 29.19 13.04
C ARG A 222 13.88 29.93 13.34
N VAL A 223 12.79 29.18 13.45
CA VAL A 223 11.51 29.71 13.91
C VAL A 223 11.09 28.83 15.07
N ASN A 224 10.76 29.44 16.22
CA ASN A 224 10.41 28.58 17.34
C ASN A 224 8.98 28.04 17.18
N VAL A 225 8.61 27.11 18.07
CA VAL A 225 7.33 26.41 17.92
C VAL A 225 6.18 27.40 18.01
N ASP A 226 6.21 28.30 19.00
CA ASP A 226 5.12 29.25 19.18
C ASP A 226 4.92 30.12 17.95
N GLY A 227 6.02 30.64 17.40
CA GLY A 227 5.92 31.45 16.19
C GLY A 227 5.47 30.66 14.98
N PHE A 228 6.01 29.45 14.80
CA PHE A 228 5.56 28.61 13.69
C PHE A 228 4.06 28.34 13.79
N ASN A 229 3.59 28.06 15.01
CA ASN A 229 2.18 27.72 15.17
C ASN A 229 1.28 28.90 14.81
N GLU A 230 1.69 30.14 15.12
CA GLU A 230 0.90 31.30 14.72
C GLU A 230 0.93 31.49 13.20
N TRP A 231 2.09 31.25 12.58
CA TRP A 231 2.14 31.29 11.13
C TRP A 231 1.27 30.20 10.53
N ALA A 232 1.34 28.97 11.09
CA ALA A 232 0.64 27.83 10.54
C ALA A 232 -0.87 28.10 10.43
N MET A 233 -1.44 28.72 11.46
CA MET A 233 -2.85 29.08 11.51
C MET A 233 -3.31 29.84 10.27
N ALA A 234 -2.46 30.73 9.77
CA ALA A 234 -2.81 31.64 8.71
C ALA A 234 -2.38 31.13 7.34
N ASN A 235 -1.83 29.91 7.29
CA ASN A 235 -1.24 29.43 6.04
C ASN A 235 -1.56 27.96 5.76
N GLY A 236 -2.63 27.42 6.34
CA GLY A 236 -3.10 26.09 5.98
C GLY A 236 -2.31 24.95 6.56
N TYR A 237 -1.64 25.15 7.69
CA TYR A 237 -0.83 24.12 8.33
C TYR A 237 -1.33 23.91 9.76
N THR A 238 -1.17 22.68 10.26
CA THR A 238 -1.41 22.44 11.68
C THR A 238 -0.26 22.98 12.50
N SER A 239 -0.50 23.09 13.80
CA SER A 239 0.62 23.31 14.71
C SER A 239 1.57 22.13 14.62
N VAL A 240 2.85 22.37 14.93
CA VAL A 240 3.77 21.28 15.19
C VAL A 240 3.58 20.86 16.65
N SER A 241 3.48 19.55 16.87
CA SER A 241 3.02 19.12 18.19
C SER A 241 4.11 19.25 19.25
N SER A 242 5.37 18.97 18.88
CA SER A 242 6.49 18.97 19.80
C SER A 242 7.76 18.80 19.00
N VAL A 243 8.90 19.04 19.68
CA VAL A 243 10.20 18.96 19.02
C VAL A 243 11.03 17.76 19.49
N GLU A 244 10.85 17.31 20.74
CA GLU A 244 11.80 16.37 21.31
C GLU A 244 11.71 14.99 20.66
N CYS A 245 10.52 14.60 20.18
CA CYS A 245 10.40 13.30 19.52
C CYS A 245 11.30 13.18 18.29
N TYR A 246 11.74 14.29 17.72
CA TYR A 246 12.63 14.26 16.55
C TYR A 246 14.11 14.19 16.92
N SER A 247 14.43 14.07 18.21
CA SER A 247 15.82 14.27 18.62
C SER A 247 16.76 13.26 17.97
N ILE A 248 16.30 12.02 17.77
CA ILE A 248 17.15 11.01 17.12
C ILE A 248 17.53 11.47 15.71
N LEU A 249 16.57 12.04 14.98
CA LEU A 249 16.83 12.52 13.61
C LEU A 249 17.61 13.83 13.62
N ALA A 250 17.31 14.70 14.58
CA ALA A 250 18.07 15.94 14.73
C ALA A 250 19.54 15.64 15.01
N ALA A 251 19.81 14.60 15.79
CA ALA A 251 21.20 14.25 16.10
C ALA A 251 21.93 13.72 14.88
N LYS A 252 21.28 12.85 14.10
CA LYS A 252 21.94 12.27 12.92
C LYS A 252 22.25 13.34 11.88
N THR A 253 21.39 14.35 11.75
CA THR A 253 21.53 15.35 10.69
C THR A 253 22.21 16.64 11.14
N GLY A 254 22.32 16.87 12.44
CA GLY A 254 22.75 18.17 12.94
C GLY A 254 21.81 19.31 12.63
N VAL A 255 20.54 19.04 12.34
CA VAL A 255 19.56 20.06 12.00
C VAL A 255 18.45 20.06 13.05
N SER A 256 18.15 21.25 13.58
CA SER A 256 17.13 21.40 14.61
C SER A 256 15.74 21.42 14.00
N VAL A 257 14.74 21.07 14.82
CA VAL A 257 13.36 21.15 14.33
C VAL A 257 13.02 22.59 13.93
N GLU A 258 13.52 23.55 14.71
CA GLU A 258 13.23 24.95 14.43
C GLU A 258 13.78 25.38 13.06
N GLN A 259 14.88 24.78 12.62
CA GLN A 259 15.35 25.03 11.25
C GLN A 259 14.37 24.48 10.23
N LEU A 260 13.80 23.30 10.50
CA LEU A 260 12.83 22.75 9.56
C LEU A 260 11.53 23.53 9.57
N LEU A 261 11.14 24.10 10.71
CA LEU A 261 9.97 24.97 10.71
C LEU A 261 10.22 26.20 9.84
N ALA A 262 11.42 26.79 9.96
CA ALA A 262 11.75 27.90 9.06
C ALA A 262 11.75 27.44 7.62
N SER A 263 12.21 26.20 7.36
CA SER A 263 12.25 25.69 6.01
C SER A 263 10.85 25.50 5.45
N ILE A 264 9.90 25.06 6.28
CA ILE A 264 8.52 24.94 5.83
C ILE A 264 7.99 26.29 5.38
N GLN A 265 8.25 27.34 6.16
CA GLN A 265 7.79 28.68 5.75
C GLN A 265 8.43 29.10 4.43
N HIS A 266 9.68 28.69 4.23
CA HIS A 266 10.40 29.05 3.00
C HIS A 266 9.84 28.33 1.79
N LEU A 267 9.32 27.11 1.98
CA LEU A 267 8.94 26.23 0.87
C LEU A 267 7.43 26.06 0.69
N HIS A 268 6.61 26.68 1.52
CA HIS A 268 5.19 26.32 1.53
C HIS A 268 4.47 26.74 0.25
N GLU A 269 5.03 27.68 -0.50
CA GLU A 269 4.43 28.14 -1.75
C GLU A 269 4.89 27.34 -2.96
N GLY A 270 5.97 26.59 -2.84
CA GLY A 270 6.45 25.78 -3.94
C GLY A 270 7.96 25.70 -3.94
N PHE A 271 8.47 24.82 -4.80
CA PHE A 271 9.88 24.52 -4.88
C PHE A 271 10.57 25.23 -6.04
N GLY A 272 9.86 26.09 -6.75
CA GLY A 272 10.37 26.55 -8.03
C GLY A 272 10.40 25.36 -8.96
N GLY A 273 11.53 25.16 -9.62
CA GLY A 273 11.64 24.00 -10.48
C GLY A 273 12.23 22.77 -9.83
N LYS A 274 12.59 22.86 -8.56
CA LYS A 274 13.34 21.80 -7.92
C LYS A 274 12.39 20.78 -7.30
N ASN A 275 12.96 19.69 -6.79
CA ASN A 275 12.16 18.69 -6.11
C ASN A 275 12.88 18.22 -4.86
N ILE A 276 12.10 17.62 -3.97
CA ILE A 276 12.60 16.99 -2.75
C ILE A 276 12.12 15.55 -2.77
N LEU A 277 13.06 14.61 -2.85
CA LEU A 277 12.74 13.18 -2.90
C LEU A 277 11.66 12.91 -3.95
N GLY A 278 11.74 13.62 -5.08
CA GLY A 278 10.80 13.45 -6.17
C GLY A 278 9.51 14.24 -6.04
N TYR A 279 9.23 14.84 -4.88
CA TYR A 279 8.03 15.64 -4.70
C TYR A 279 8.28 17.08 -5.14
N SER A 280 7.26 17.68 -5.75
CA SER A 280 7.35 19.05 -6.22
C SER A 280 6.71 20.04 -5.26
N SER A 281 6.14 19.55 -4.15
CA SER A 281 5.67 20.39 -3.06
C SER A 281 5.83 19.60 -1.78
N LEU A 282 5.61 20.25 -0.64
CA LEU A 282 5.87 19.59 0.63
C LEU A 282 4.93 18.39 0.79
N CYS A 283 5.46 17.32 1.37
CA CYS A 283 4.75 16.06 1.53
C CYS A 283 4.41 15.85 3.00
N ASP A 284 3.12 15.60 3.29
CA ASP A 284 2.69 15.31 4.66
C ASP A 284 2.12 13.90 4.78
N GLU A 285 2.55 13.01 3.88
CA GLU A 285 2.07 11.62 3.81
C GLU A 285 2.65 10.74 4.90
N PHE A 286 3.85 11.05 5.41
CA PHE A 286 4.61 10.13 6.25
C PHE A 286 4.78 10.67 7.65
N THR A 287 4.47 9.84 8.65
CA THR A 287 4.66 10.20 10.05
C THR A 287 6.13 10.01 10.46
N LEU A 288 6.47 10.62 11.59
CA LEU A 288 7.79 10.39 12.16
C LEU A 288 8.02 8.90 12.39
N ALA A 289 7.01 8.20 12.95
CA ALA A 289 7.16 6.78 13.20
C ALA A 289 7.46 6.02 11.92
N GLU A 290 6.79 6.37 10.81
CA GLU A 290 7.03 5.70 9.55
C GLU A 290 8.43 5.97 9.03
N VAL A 291 8.88 7.23 9.10
CA VAL A 291 10.22 7.55 8.62
C VAL A 291 11.26 6.75 9.39
N VAL A 292 11.14 6.74 10.72
CA VAL A 292 12.12 6.05 11.55
C VAL A 292 12.06 4.54 11.32
N LYS A 293 10.85 3.99 11.17
CA LYS A 293 10.71 2.56 10.93
C LYS A 293 11.30 2.19 9.58
N GLN A 294 10.96 2.94 8.54
CA GLN A 294 11.36 2.57 7.20
C GLN A 294 12.84 2.81 6.94
N MET A 295 13.48 3.72 7.68
CA MET A 295 14.89 3.97 7.43
C MET A 295 15.81 3.24 8.41
N TYR A 296 15.33 2.96 9.63
CA TYR A 296 16.18 2.39 10.65
C TYR A 296 15.61 1.15 11.33
N GLY A 297 14.38 0.76 11.03
CA GLY A 297 13.79 -0.43 11.62
C GLY A 297 13.36 -0.24 13.05
N VAL A 298 13.18 1.00 13.48
CA VAL A 298 12.80 1.31 14.85
C VAL A 298 11.43 1.96 14.87
N LEU B 1 -7.56 7.25 -7.52
CA LEU B 1 -6.42 6.40 -7.84
C LEU B 1 -5.37 6.36 -6.73
N LYS B 2 -5.25 5.22 -6.06
CA LYS B 2 -4.29 5.04 -4.98
C LYS B 2 -3.56 3.73 -5.19
N LYS B 3 -2.24 3.73 -5.05
CA LYS B 3 -1.51 2.47 -5.13
C LYS B 3 -1.90 1.61 -3.94
N MET B 4 -2.35 0.40 -4.22
CA MET B 4 -2.76 -0.51 -3.16
C MET B 4 -2.02 -1.82 -3.32
N ALA B 5 -2.06 -2.63 -2.29
CA ALA B 5 -1.60 -4.00 -2.37
C ALA B 5 -2.80 -4.93 -2.28
N GLN B 6 -2.69 -6.10 -2.91
CA GLN B 6 -3.68 -7.13 -2.65
C GLN B 6 -3.45 -7.71 -1.25
N PRO B 7 -4.50 -8.24 -0.61
CA PRO B 7 -4.36 -8.73 0.77
C PRO B 7 -3.27 -9.77 0.89
N SER B 8 -2.60 -9.78 2.05
CA SER B 8 -1.36 -10.52 2.22
C SER B 8 -1.53 -11.83 2.99
N GLY B 9 -2.74 -12.14 3.48
CA GLY B 9 -2.90 -13.25 4.40
C GLY B 9 -2.36 -14.56 3.87
N CYS B 10 -2.69 -14.89 2.63
CA CYS B 10 -2.29 -16.19 2.09
C CYS B 10 -0.79 -16.30 1.91
N VAL B 11 -0.11 -15.17 1.71
CA VAL B 11 1.35 -15.19 1.54
C VAL B 11 2.05 -15.19 2.91
N GLU B 12 1.51 -14.46 3.89
CA GLU B 12 2.09 -14.44 5.23
C GLU B 12 2.32 -15.86 5.75
N ARG B 13 1.36 -16.76 5.49
CA ARG B 13 1.42 -18.13 5.95
C ARG B 13 2.52 -18.94 5.28
N CYS B 14 3.20 -18.38 4.27
CA CYS B 14 4.29 -19.06 3.60
C CYS B 14 5.67 -18.52 3.93
N VAL B 15 5.77 -17.43 4.71
CA VAL B 15 7.07 -16.83 4.98
C VAL B 15 7.74 -17.57 6.13
N VAL B 16 9.02 -17.91 5.96
CA VAL B 16 9.80 -18.57 6.99
C VAL B 16 11.12 -17.85 7.17
N ARG B 17 11.77 -18.13 8.30
CA ARG B 17 13.09 -17.61 8.60
C ARG B 17 14.12 -18.66 8.19
N VAL B 18 15.12 -18.25 7.40
CA VAL B 18 16.17 -19.18 6.95
C VAL B 18 17.51 -18.65 7.46
N CYS B 19 18.21 -19.49 8.20
CA CYS B 19 19.50 -19.15 8.78
C CYS B 19 20.54 -20.16 8.33
N TYR B 20 21.73 -19.67 8.01
CA TYR B 20 22.87 -20.55 7.71
C TYR B 20 24.07 -19.95 8.43
N GLY B 21 24.56 -20.64 9.45
CA GLY B 21 25.56 -20.04 10.30
C GLY B 21 24.99 -18.81 10.97
N SER B 22 25.64 -17.66 10.80
CA SER B 22 25.18 -16.41 11.40
C SER B 22 24.27 -15.60 10.48
N THR B 23 24.12 -16.01 9.22
CA THR B 23 23.41 -15.23 8.21
C THR B 23 21.93 -15.60 8.22
N VAL B 24 21.06 -14.57 8.27
CA VAL B 24 19.62 -14.75 8.43
C VAL B 24 18.89 -13.99 7.33
N LEU B 25 17.95 -14.64 6.66
CA LEU B 25 17.08 -13.94 5.71
C LEU B 25 15.74 -14.67 5.66
N ASN B 26 14.91 -14.29 4.68
CA ASN B 26 13.56 -14.80 4.54
C ASN B 26 13.49 -15.86 3.44
N GLY B 27 12.57 -16.82 3.63
CA GLY B 27 12.28 -17.82 2.62
C GLY B 27 10.78 -18.00 2.44
N VAL B 28 10.42 -18.73 1.39
CA VAL B 28 9.03 -18.96 1.02
C VAL B 28 8.78 -20.46 0.99
N TRP B 29 7.88 -20.93 1.86
CA TRP B 29 7.61 -22.34 2.12
C TRP B 29 6.34 -22.75 1.38
N LEU B 30 6.51 -23.61 0.38
CA LEU B 30 5.38 -24.08 -0.44
C LEU B 30 5.51 -25.59 -0.58
N GLY B 31 4.47 -26.31 -0.21
CA GLY B 31 4.63 -27.76 -0.13
C GLY B 31 5.78 -28.06 0.82
N ASP B 32 6.69 -28.94 0.41
CA ASP B 32 7.84 -29.27 1.23
C ASP B 32 9.13 -28.61 0.75
N THR B 33 9.02 -27.43 0.13
CA THR B 33 10.17 -26.73 -0.43
C THR B 33 10.20 -25.32 0.13
N VAL B 34 11.38 -24.88 0.58
CA VAL B 34 11.59 -23.49 0.94
C VAL B 34 12.54 -22.91 -0.11
N THR B 35 12.12 -21.83 -0.76
CA THR B 35 12.96 -21.12 -1.72
C THR B 35 13.47 -19.86 -1.05
N CYS B 36 14.77 -19.58 -1.17
CA CYS B 36 15.33 -18.39 -0.57
C CYS B 36 16.53 -17.95 -1.39
N PRO B 37 16.98 -16.71 -1.23
CA PRO B 37 18.19 -16.27 -1.95
C PRO B 37 19.40 -17.09 -1.52
N ARG B 38 20.24 -17.42 -2.49
CA ARG B 38 21.43 -18.20 -2.15
C ARG B 38 22.44 -17.41 -1.33
N HIS B 39 22.29 -16.08 -1.22
CA HIS B 39 23.21 -15.31 -0.38
C HIS B 39 23.24 -15.78 1.07
N VAL B 40 22.25 -16.54 1.53
CA VAL B 40 22.27 -17.04 2.90
C VAL B 40 23.49 -17.93 3.17
N ILE B 41 24.08 -18.54 2.13
CA ILE B 41 25.29 -19.35 2.36
C ILE B 41 26.57 -18.59 2.05
N ALA B 42 26.49 -17.28 1.82
CA ALA B 42 27.69 -16.55 1.48
C ALA B 42 28.62 -16.46 2.69
N PRO B 43 29.93 -16.55 2.49
CA PRO B 43 30.86 -16.26 3.58
C PRO B 43 30.82 -14.79 3.93
N SER B 44 31.33 -14.47 5.12
CA SER B 44 31.58 -13.08 5.46
C SER B 44 32.86 -12.66 4.75
N THR B 45 32.72 -11.90 3.68
CA THR B 45 33.87 -11.63 2.82
C THR B 45 33.84 -10.22 2.27
N LEU B 48 34.46 -10.71 -3.93
CA LEU B 48 33.66 -11.53 -4.84
C LEU B 48 33.34 -12.91 -4.24
N ILE B 49 32.06 -13.22 -4.11
CA ILE B 49 31.62 -14.49 -3.53
C ILE B 49 31.64 -15.56 -4.60
N ASP B 50 32.32 -16.68 -4.30
CA ASP B 50 32.28 -17.88 -5.14
C ASP B 50 31.17 -18.79 -4.61
N TYR B 51 29.98 -18.67 -5.20
CA TYR B 51 28.85 -19.44 -4.71
C TYR B 51 29.00 -20.92 -5.03
N ASP B 52 29.60 -21.27 -6.17
CA ASP B 52 29.81 -22.68 -6.47
C ASP B 52 30.64 -23.34 -5.37
N HIS B 53 31.66 -22.64 -4.87
CA HIS B 53 32.46 -23.21 -3.80
C HIS B 53 31.71 -23.22 -2.47
N ALA B 54 30.96 -22.16 -2.17
CA ALA B 54 30.15 -22.18 -0.94
C ALA B 54 29.14 -23.31 -0.99
N TYR B 55 28.60 -23.60 -2.17
CA TYR B 55 27.62 -24.67 -2.28
C TYR B 55 28.27 -26.04 -2.11
N SER B 56 29.46 -26.21 -2.68
CA SER B 56 30.09 -27.53 -2.62
C SER B 56 30.55 -27.87 -1.20
N THR B 57 30.87 -26.86 -0.39
CA THR B 57 31.27 -27.07 1.00
C THR B 57 30.13 -26.85 1.99
N MET B 58 28.89 -26.80 1.50
CA MET B 58 27.73 -26.60 2.36
C MET B 58 27.54 -27.80 3.29
N ARG B 59 27.07 -27.53 4.51
CA ARG B 59 26.66 -28.57 5.45
C ARG B 59 25.19 -28.36 5.82
N LEU B 60 24.39 -29.41 5.66
CA LEU B 60 22.95 -29.27 5.91
C LEU B 60 22.67 -28.92 7.37
N HIS B 61 23.47 -29.43 8.30
CA HIS B 61 23.21 -29.12 9.70
C HIS B 61 23.52 -27.66 10.04
N ASN B 62 24.12 -26.90 9.12
CA ASN B 62 24.33 -25.47 9.35
C ASN B 62 23.05 -24.65 9.13
N PHE B 63 22.04 -25.23 8.49
CA PHE B 63 20.78 -24.53 8.25
C PHE B 63 19.87 -24.60 9.46
N SER B 64 19.08 -23.55 9.64
CA SER B 64 17.95 -23.54 10.55
C SER B 64 16.79 -22.88 9.81
N VAL B 65 15.65 -23.57 9.72
CA VAL B 65 14.48 -23.08 9.00
C VAL B 65 13.31 -23.15 9.96
N SER B 66 12.61 -22.02 10.14
CA SER B 66 11.57 -21.98 11.16
C SER B 66 10.39 -21.12 10.70
N HIS B 67 9.20 -21.50 11.16
CA HIS B 67 7.98 -20.72 10.96
C HIS B 67 7.33 -20.52 12.32
N ASN B 68 7.16 -19.26 12.72
CA ASN B 68 6.57 -18.92 14.02
C ASN B 68 7.28 -19.65 15.16
N GLY B 69 8.61 -19.69 15.11
CA GLY B 69 9.39 -20.30 16.17
C GLY B 69 9.41 -21.81 16.18
N VAL B 70 8.85 -22.46 15.17
CA VAL B 70 8.82 -23.91 15.06
C VAL B 70 9.78 -24.32 13.95
N PHE B 71 10.67 -25.26 14.26
CA PHE B 71 11.74 -25.57 13.34
C PHE B 71 11.38 -26.72 12.42
N LEU B 72 11.67 -26.56 11.13
CA LEU B 72 11.46 -27.57 10.12
C LEU B 72 12.76 -28.32 9.87
N GLY B 73 12.67 -29.63 9.71
CA GLY B 73 13.85 -30.43 9.47
C GLY B 73 14.29 -30.29 8.03
N VAL B 74 15.55 -29.92 7.84
CA VAL B 74 16.12 -29.73 6.50
C VAL B 74 16.59 -31.08 5.97
N VAL B 75 16.11 -31.46 4.79
CA VAL B 75 16.40 -32.76 4.21
C VAL B 75 17.40 -32.69 3.05
N GLY B 76 17.39 -31.63 2.26
CA GLY B 76 18.32 -31.48 1.16
C GLY B 76 18.23 -30.08 0.59
N VAL B 77 19.27 -29.69 -0.15
CA VAL B 77 19.36 -28.34 -0.70
C VAL B 77 19.99 -28.40 -2.08
N THR B 78 19.36 -27.74 -3.06
CA THR B 78 19.95 -27.54 -4.38
C THR B 78 19.98 -26.06 -4.71
N MET B 79 20.91 -25.67 -5.58
CA MET B 79 21.09 -24.29 -5.98
C MET B 79 20.65 -24.11 -7.44
N HIS B 80 19.83 -23.10 -7.69
CA HIS B 80 19.28 -22.81 -9.01
C HIS B 80 19.48 -21.32 -9.27
N GLY B 81 20.48 -20.98 -10.09
CA GLY B 81 20.76 -19.58 -10.31
C GLY B 81 21.07 -18.90 -8.99
N SER B 82 20.30 -17.86 -8.67
CA SER B 82 20.50 -17.05 -7.48
C SER B 82 19.66 -17.51 -6.28
N VAL B 83 19.01 -18.68 -6.35
CA VAL B 83 18.21 -19.14 -5.23
C VAL B 83 18.63 -20.54 -4.82
N LEU B 84 18.25 -20.90 -3.59
CA LEU B 84 18.29 -22.26 -3.09
C LEU B 84 16.88 -22.83 -3.01
N ARG B 85 16.77 -24.13 -3.23
CA ARG B 85 15.55 -24.88 -2.97
C ARG B 85 15.86 -25.85 -1.84
N ILE B 86 15.35 -25.54 -0.66
CA ILE B 86 15.59 -26.34 0.55
C ILE B 86 14.41 -27.28 0.73
N LYS B 87 14.66 -28.58 0.61
CA LYS B 87 13.64 -29.56 0.91
C LYS B 87 13.55 -29.73 2.42
N VAL B 88 12.33 -29.70 2.95
CA VAL B 88 12.11 -29.85 4.37
C VAL B 88 11.22 -31.07 4.60
N SER B 89 11.26 -31.59 5.82
CA SER B 89 10.59 -32.84 6.12
C SER B 89 9.11 -32.67 6.39
N GLN B 90 8.58 -31.45 6.23
CA GLN B 90 7.20 -31.14 6.56
C GLN B 90 6.63 -30.24 5.48
N SER B 91 5.44 -30.58 4.98
CA SER B 91 4.78 -29.75 3.99
C SER B 91 3.96 -28.65 4.67
N ASN B 92 3.96 -27.47 4.05
CA ASN B 92 3.17 -26.34 4.53
C ASN B 92 1.68 -26.62 4.31
N VAL B 93 0.93 -26.81 5.40
CA VAL B 93 -0.51 -27.11 5.29
C VAL B 93 -1.32 -25.91 4.86
N HIS B 94 -0.74 -24.72 4.88
CA HIS B 94 -1.39 -23.52 4.38
C HIS B 94 -0.84 -23.09 3.03
N THR B 95 -0.32 -24.04 2.24
CA THR B 95 0.14 -23.72 0.90
C THR B 95 -1.03 -23.28 0.04
N PRO B 96 -1.01 -22.07 -0.51
CA PRO B 96 -2.13 -21.64 -1.36
C PRO B 96 -2.00 -22.22 -2.77
N LYS B 97 -3.14 -22.30 -3.46
CA LYS B 97 -3.10 -22.55 -4.90
C LYS B 97 -2.18 -21.52 -5.54
N HIS B 98 -1.19 -22.00 -6.30
CA HIS B 98 -0.16 -21.07 -6.75
C HIS B 98 0.48 -21.54 -8.06
N VAL B 99 1.07 -20.58 -8.76
CA VAL B 99 1.97 -20.82 -9.88
C VAL B 99 3.17 -19.92 -9.69
N PHE B 100 4.17 -20.10 -10.54
CA PHE B 100 5.35 -19.24 -10.57
C PHE B 100 5.32 -18.48 -11.89
N LYS B 101 5.51 -17.15 -11.82
CA LYS B 101 5.40 -16.30 -13.00
C LYS B 101 6.57 -15.34 -13.01
N THR B 102 7.17 -15.16 -14.20
CA THR B 102 8.24 -14.20 -14.38
C THR B 102 7.66 -12.89 -14.90
N LEU B 103 7.86 -11.83 -14.14
CA LEU B 103 7.35 -10.51 -14.49
C LEU B 103 8.05 -9.94 -15.73
N LYS B 104 7.32 -9.06 -16.43
CA LYS B 104 7.88 -8.23 -17.49
C LYS B 104 7.82 -6.76 -17.07
N PRO B 105 8.68 -5.90 -17.60
CA PRO B 105 8.59 -4.47 -17.27
C PRO B 105 7.20 -3.93 -17.55
N GLY B 106 6.72 -3.07 -16.64
CA GLY B 106 5.37 -2.58 -16.70
C GLY B 106 4.36 -3.39 -15.90
N ASP B 107 4.72 -4.58 -15.44
CA ASP B 107 3.84 -5.38 -14.59
C ASP B 107 3.81 -4.82 -13.18
N SER B 108 2.61 -4.74 -12.61
CA SER B 108 2.47 -4.39 -11.21
C SER B 108 2.42 -5.67 -10.39
N PHE B 109 2.89 -5.59 -9.16
CA PHE B 109 2.79 -6.72 -8.23
C PHE B 109 2.87 -6.19 -6.80
N ASN B 110 2.73 -7.12 -5.85
CA ASN B 110 2.72 -6.81 -4.41
C ASN B 110 3.99 -7.35 -3.77
N ILE B 111 4.58 -6.55 -2.89
CA ILE B 111 5.70 -6.98 -2.04
C ILE B 111 5.19 -7.17 -0.62
N LEU B 112 5.52 -8.31 -0.02
CA LEU B 112 5.36 -8.50 1.42
C LEU B 112 6.74 -8.38 2.06
N ALA B 113 7.01 -7.22 2.67
CA ALA B 113 8.34 -6.95 3.24
C ALA B 113 8.46 -7.69 4.57
N CYS B 114 9.47 -8.55 4.68
CA CYS B 114 9.62 -9.44 5.82
C CYS B 114 11.01 -9.28 6.42
N TYR B 115 11.09 -9.56 7.72
CA TYR B 115 12.31 -9.47 8.50
C TYR B 115 12.33 -10.64 9.48
N GLU B 116 13.41 -11.42 9.44
CA GLU B 116 13.55 -12.61 10.29
C GLU B 116 12.35 -13.55 10.15
N GLY B 117 11.80 -13.66 8.95
CA GLY B 117 10.70 -14.57 8.68
C GLY B 117 9.34 -14.06 9.09
N ILE B 118 9.23 -12.78 9.42
CA ILE B 118 7.98 -12.17 9.91
C ILE B 118 7.63 -10.98 9.03
N ALA B 119 6.40 -10.99 8.49
CA ALA B 119 5.98 -9.87 7.64
C ALA B 119 5.82 -8.59 8.45
N SER B 120 6.25 -7.48 7.88
CA SER B 120 6.08 -6.18 8.52
C SER B 120 5.25 -5.19 7.70
N GLY B 121 5.23 -5.33 6.37
CA GLY B 121 4.50 -4.38 5.54
C GLY B 121 4.17 -4.95 4.18
N VAL B 122 3.16 -4.36 3.56
CA VAL B 122 2.73 -4.80 2.23
C VAL B 122 2.48 -3.57 1.36
N PHE B 123 2.95 -3.61 0.12
CA PHE B 123 2.79 -2.46 -0.76
C PHE B 123 2.87 -2.92 -2.20
N GLY B 124 2.26 -2.12 -3.08
CA GLY B 124 2.27 -2.40 -4.51
C GLY B 124 3.42 -1.66 -5.17
N VAL B 125 4.02 -2.32 -6.17
CA VAL B 125 5.14 -1.78 -6.93
C VAL B 125 4.93 -2.12 -8.40
N ASN B 126 5.76 -1.52 -9.26
CA ASN B 126 5.73 -1.76 -10.69
C ASN B 126 7.14 -2.10 -11.13
N LEU B 127 7.30 -3.16 -11.91
CA LEU B 127 8.63 -3.48 -12.42
C LEU B 127 9.00 -2.46 -13.50
N ARG B 128 10.15 -1.82 -13.35
CA ARG B 128 10.49 -0.74 -14.28
C ARG B 128 11.28 -1.29 -15.46
N THR B 129 11.55 -0.42 -16.46
CA THR B 129 12.16 -0.94 -17.69
C THR B 129 13.59 -1.38 -17.47
N ASN B 130 14.26 -0.90 -16.41
CA ASN B 130 15.60 -1.36 -16.06
C ASN B 130 15.56 -2.53 -15.07
N PHE B 131 14.40 -3.15 -14.93
CA PHE B 131 14.19 -4.38 -14.15
C PHE B 131 14.41 -4.18 -12.66
N THR B 132 14.32 -2.95 -12.16
CA THR B 132 14.35 -2.69 -10.73
C THR B 132 12.97 -2.27 -10.24
N ILE B 133 12.79 -2.27 -8.92
CA ILE B 133 11.59 -1.69 -8.32
C ILE B 133 12.00 -0.61 -7.32
N LYS B 134 11.06 0.30 -7.03
CA LYS B 134 11.24 1.31 -6.00
C LYS B 134 10.44 0.87 -4.79
N GLY B 135 11.06 0.05 -3.95
CA GLY B 135 10.43 -0.42 -2.73
C GLY B 135 10.89 0.39 -1.52
N SER B 136 10.59 -0.17 -0.35
CA SER B 136 11.13 0.32 0.91
C SER B 136 11.58 -0.90 1.68
N PHE B 137 12.90 -1.07 1.81
CA PHE B 137 13.50 -2.21 2.48
C PHE B 137 14.70 -1.71 3.26
N ILE B 138 14.98 -2.33 4.40
CA ILE B 138 16.25 -2.16 5.07
C ILE B 138 16.89 -3.54 5.25
N ASN B 139 18.08 -3.55 5.87
CA ASN B 139 18.80 -4.80 6.10
C ASN B 139 17.89 -5.82 6.77
N GLY B 140 17.94 -7.04 6.27
CA GLY B 140 17.08 -8.10 6.73
C GLY B 140 15.93 -8.42 5.81
N ALA B 141 15.66 -7.57 4.81
CA ALA B 141 14.54 -7.79 3.91
C ALA B 141 14.82 -8.83 2.83
N CYS B 142 16.08 -9.23 2.65
CA CYS B 142 16.43 -10.20 1.62
C CYS B 142 15.51 -11.42 1.70
N GLY B 143 14.98 -11.82 0.54
CA GLY B 143 14.06 -12.94 0.46
C GLY B 143 12.60 -12.56 0.60
N SER B 144 12.29 -11.30 0.84
CA SER B 144 10.90 -10.86 0.87
C SER B 144 10.21 -11.19 -0.45
N PRO B 145 9.02 -11.80 -0.42
CA PRO B 145 8.39 -12.26 -1.66
C PRO B 145 7.51 -11.19 -2.31
N GLY B 146 7.45 -11.29 -3.64
CA GLY B 146 6.51 -10.52 -4.44
C GLY B 146 5.51 -11.47 -5.06
N TYR B 147 4.27 -11.02 -5.18
CA TYR B 147 3.17 -11.90 -5.58
C TYR B 147 2.08 -11.10 -6.26
N ASN B 148 1.25 -11.82 -7.01
CA ASN B 148 -0.03 -11.32 -7.51
C ASN B 148 -1.07 -12.40 -7.24
N VAL B 149 -2.31 -11.97 -7.03
CA VAL B 149 -3.42 -12.91 -6.82
C VAL B 149 -4.38 -12.80 -7.99
N ARG B 150 -4.56 -13.89 -8.73
CA ARG B 150 -5.45 -13.90 -9.88
C ARG B 150 -6.92 -13.96 -9.42
N ASN B 151 -7.82 -13.70 -10.38
CA ASN B 151 -9.24 -13.65 -10.05
C ASN B 151 -9.74 -14.96 -9.45
N ASP B 152 -9.23 -16.09 -9.94
CA ASP B 152 -9.65 -17.39 -9.41
C ASP B 152 -9.04 -17.73 -8.05
N GLY B 153 -8.20 -16.86 -7.49
CA GLY B 153 -7.56 -17.13 -6.22
C GLY B 153 -6.15 -17.69 -6.31
N THR B 154 -5.66 -18.00 -7.51
CA THR B 154 -4.30 -18.52 -7.66
C THR B 154 -3.28 -17.43 -7.34
N VAL B 155 -2.32 -17.75 -6.46
CA VAL B 155 -1.24 -16.83 -6.14
C VAL B 155 -0.11 -17.02 -7.17
N GLU B 156 0.26 -15.94 -7.84
CA GLU B 156 1.44 -15.95 -8.69
C GLU B 156 2.63 -15.50 -7.85
N PHE B 157 3.59 -16.39 -7.64
CA PHE B 157 4.82 -16.03 -6.95
C PHE B 157 5.83 -15.56 -7.98
N CYS B 158 6.24 -14.29 -7.88
CA CYS B 158 7.00 -13.70 -8.97
C CYS B 158 8.32 -13.02 -8.58
N TYR B 159 8.64 -12.84 -7.31
CA TYR B 159 9.80 -12.06 -6.92
C TYR B 159 10.29 -12.51 -5.56
N LEU B 160 11.61 -12.58 -5.41
CA LEU B 160 12.27 -12.75 -4.13
C LEU B 160 13.30 -11.64 -4.00
N HIS B 161 13.18 -10.82 -2.96
CA HIS B 161 14.06 -9.66 -2.85
C HIS B 161 15.52 -10.10 -2.68
N GLN B 162 16.43 -9.41 -3.38
CA GLN B 162 17.86 -9.73 -3.33
C GLN B 162 18.66 -8.56 -2.77
N ILE B 163 18.78 -7.45 -3.49
CA ILE B 163 19.76 -6.43 -3.10
C ILE B 163 19.18 -5.03 -3.29
N GLU B 164 19.84 -4.07 -2.67
CA GLU B 164 19.59 -2.66 -2.94
C GLU B 164 20.81 -2.11 -3.68
N LEU B 165 20.57 -1.44 -4.81
CA LEU B 165 21.67 -0.89 -5.59
C LEU B 165 22.17 0.39 -4.91
N GLY B 166 23.32 0.89 -5.40
CA GLY B 166 23.84 2.13 -4.87
C GLY B 166 22.89 3.29 -5.03
N SER B 167 22.02 3.23 -6.03
CA SER B 167 21.04 4.26 -6.30
C SER B 167 19.84 4.21 -5.37
N GLY B 168 19.68 3.14 -4.58
CA GLY B 168 18.49 2.91 -3.82
C GLY B 168 17.46 2.02 -4.49
N ALA B 169 17.61 1.76 -5.79
CA ALA B 169 16.72 0.85 -6.49
C ALA B 169 16.88 -0.57 -5.97
N HIS B 170 15.81 -1.35 -6.08
CA HIS B 170 15.77 -2.70 -5.54
C HIS B 170 15.73 -3.74 -6.64
N VAL B 171 16.46 -4.84 -6.40
CA VAL B 171 16.66 -5.91 -7.36
C VAL B 171 16.24 -7.22 -6.71
N GLY B 172 15.52 -8.05 -7.45
CA GLY B 172 15.14 -9.37 -6.97
C GLY B 172 15.28 -10.42 -8.07
N SER B 173 14.99 -11.66 -7.70
CA SER B 173 14.99 -12.80 -8.61
C SER B 173 13.58 -13.35 -8.77
N ASP B 174 13.37 -14.17 -9.79
CA ASP B 174 12.13 -14.94 -9.81
C ASP B 174 12.39 -16.28 -9.14
N PHE B 175 11.38 -17.14 -9.09
CA PHE B 175 11.52 -18.38 -8.33
C PHE B 175 12.28 -19.45 -9.09
N THR B 176 12.59 -19.23 -10.37
CA THR B 176 13.52 -20.11 -11.05
C THR B 176 14.97 -19.80 -10.71
N GLY B 177 15.25 -18.68 -10.03
CA GLY B 177 16.60 -18.28 -9.75
C GLY B 177 17.19 -17.26 -10.71
N SER B 178 16.49 -16.89 -11.78
CA SER B 178 16.96 -15.80 -12.63
C SER B 178 16.83 -14.45 -11.91
N VAL B 179 17.90 -13.65 -11.92
CA VAL B 179 17.80 -12.30 -11.37
C VAL B 179 17.17 -11.39 -12.42
N TYR B 180 16.13 -10.63 -12.02
CA TYR B 180 15.55 -9.66 -12.95
C TYR B 180 16.60 -8.65 -13.35
N GLY B 181 16.79 -8.46 -14.66
CA GLY B 181 17.82 -7.56 -15.14
C GLY B 181 19.22 -8.15 -15.15
N ASN B 182 19.39 -9.37 -14.64
CA ASN B 182 20.69 -10.07 -14.63
C ASN B 182 21.75 -9.31 -13.85
N PHE B 183 21.32 -8.54 -12.86
CA PHE B 183 22.22 -8.02 -11.85
C PHE B 183 22.87 -9.18 -11.12
N ASP B 184 24.04 -8.92 -10.56
CA ASP B 184 24.77 -9.90 -9.78
C ASP B 184 24.27 -9.86 -8.34
N ASP B 185 24.02 -11.05 -7.77
CA ASP B 185 23.73 -11.14 -6.34
C ASP B 185 25.07 -11.16 -5.60
N GLN B 186 25.70 -9.99 -5.61
CA GLN B 186 27.03 -9.74 -5.09
C GLN B 186 27.06 -8.32 -4.56
N PRO B 187 27.90 -8.04 -3.57
CA PRO B 187 28.16 -6.63 -3.23
C PRO B 187 29.09 -6.04 -4.28
N SER B 188 28.58 -5.10 -5.06
CA SER B 188 29.36 -4.55 -6.16
C SER B 188 28.79 -3.19 -6.53
N LEU B 189 29.50 -2.50 -7.42
CA LEU B 189 29.15 -1.14 -7.79
C LEU B 189 28.29 -1.06 -9.06
N GLN B 190 27.39 -2.03 -9.28
CA GLN B 190 26.63 -2.06 -10.52
C GLN B 190 25.67 -0.89 -10.62
N VAL B 191 25.59 -0.29 -11.80
CA VAL B 191 24.76 0.87 -12.07
C VAL B 191 23.70 0.48 -13.10
N GLU B 192 22.44 0.58 -12.73
CA GLU B 192 21.37 0.23 -13.65
C GLU B 192 21.22 1.28 -14.75
N SER B 193 20.79 0.83 -15.92
CA SER B 193 20.50 1.81 -16.95
C SER B 193 19.26 2.62 -16.58
N ALA B 194 19.12 3.78 -17.22
CA ALA B 194 18.09 4.72 -16.86
C ALA B 194 16.72 4.17 -17.24
N ASN B 195 15.72 4.46 -16.41
CA ASN B 195 14.36 4.03 -16.68
C ASN B 195 13.72 4.87 -17.80
N LEU B 196 12.87 4.20 -18.59
CA LEU B 196 11.95 4.87 -19.49
C LEU B 196 10.59 5.01 -18.82
N MET B 197 9.85 6.04 -19.24
CA MET B 197 8.46 6.17 -18.83
C MET B 197 7.65 5.05 -19.48
N LEU B 198 6.83 4.37 -18.69
CA LEU B 198 6.00 3.29 -19.20
C LEU B 198 4.77 3.89 -19.87
N SER B 199 4.81 4.02 -21.20
CA SER B 199 3.77 4.72 -21.93
C SER B 199 2.40 4.08 -21.72
N ASP B 200 2.35 2.74 -21.66
CA ASP B 200 1.10 2.05 -21.39
C ASP B 200 0.45 2.53 -20.10
N ASN B 201 1.26 2.72 -19.06
CA ASN B 201 0.71 3.18 -17.79
C ASN B 201 0.33 4.64 -17.83
N VAL B 202 1.06 5.47 -18.60
CA VAL B 202 0.69 6.87 -18.69
C VAL B 202 -0.69 7.00 -19.35
N VAL B 203 -0.93 6.21 -20.40
CA VAL B 203 -2.24 6.22 -21.05
C VAL B 203 -3.34 5.84 -20.07
N ALA B 204 -3.11 4.77 -19.30
CA ALA B 204 -4.08 4.37 -18.28
C ALA B 204 -4.35 5.50 -17.30
N PHE B 205 -3.30 6.19 -16.86
CA PHE B 205 -3.41 7.32 -15.94
C PHE B 205 -4.25 8.43 -16.53
N LEU B 206 -4.02 8.78 -17.80
CA LEU B 206 -4.79 9.84 -18.41
C LEU B 206 -6.26 9.45 -18.53
N TYR B 207 -6.55 8.19 -18.82
CA TYR B 207 -7.94 7.74 -18.82
C TYR B 207 -8.55 7.90 -17.43
N ALA B 208 -7.80 7.57 -16.39
CA ALA B 208 -8.31 7.73 -15.03
C ALA B 208 -8.61 9.20 -14.74
N ALA B 209 -7.79 10.10 -15.27
CA ALA B 209 -8.02 11.53 -15.10
C ALA B 209 -9.31 11.95 -15.80
N LEU B 210 -9.52 11.47 -17.03
CA LEU B 210 -10.77 11.77 -17.74
C LEU B 210 -11.96 11.29 -16.93
N LEU B 211 -11.87 10.10 -16.35
CA LEU B 211 -12.97 9.52 -15.59
C LEU B 211 -13.19 10.20 -14.24
N ASN B 212 -12.25 11.03 -13.78
CA ASN B 212 -12.41 11.83 -12.58
C ASN B 212 -12.70 13.30 -12.88
N GLY B 213 -13.02 13.62 -14.13
CA GLY B 213 -13.37 14.97 -14.51
C GLY B 213 -12.22 15.88 -14.85
N CYS B 214 -10.98 15.40 -14.73
CA CYS B 214 -9.79 16.20 -14.99
C CYS B 214 -9.44 16.14 -16.47
N ARG B 215 -9.71 17.23 -17.21
CA ARG B 215 -9.61 17.21 -18.66
C ARG B 215 -8.97 18.47 -19.27
N TRP B 216 -8.39 19.37 -18.47
CA TRP B 216 -7.80 20.58 -19.03
C TRP B 216 -6.68 20.28 -20.02
N TRP B 217 -6.03 19.12 -19.88
CA TRP B 217 -4.83 18.78 -20.62
C TRP B 217 -5.11 18.12 -21.97
N LEU B 218 -6.37 17.82 -22.26
CA LEU B 218 -6.69 16.94 -23.38
C LEU B 218 -6.44 17.65 -24.72
N CYS B 219 -5.50 17.11 -25.50
CA CYS B 219 -5.25 17.59 -26.85
C CYS B 219 -6.45 17.32 -27.75
N SER B 220 -6.78 18.30 -28.60
CA SER B 220 -7.88 18.08 -29.54
C SER B 220 -7.48 17.12 -30.66
N THR B 221 -6.21 17.12 -31.05
CA THR B 221 -5.77 16.35 -32.20
C THR B 221 -5.13 15.04 -31.73
N ARG B 222 -4.74 14.23 -32.71
CA ARG B 222 -4.28 12.86 -32.47
C ARG B 222 -2.92 12.66 -33.10
N VAL B 223 -2.18 11.69 -32.56
CA VAL B 223 -1.01 11.13 -33.23
C VAL B 223 -1.15 9.62 -33.23
N ASN B 224 -0.79 8.99 -34.34
CA ASN B 224 -0.98 7.55 -34.41
C ASN B 224 0.14 6.83 -33.66
N VAL B 225 -0.03 5.52 -33.54
CA VAL B 225 0.91 4.71 -32.76
C VAL B 225 2.32 4.78 -33.36
N ASP B 226 2.44 4.73 -34.69
CA ASP B 226 3.75 4.75 -35.32
C ASP B 226 4.47 6.06 -35.06
N GLY B 227 3.75 7.18 -35.18
CA GLY B 227 4.35 8.46 -34.88
C GLY B 227 4.72 8.60 -33.42
N PHE B 228 3.84 8.15 -32.53
CA PHE B 228 4.17 8.22 -31.11
C PHE B 228 5.40 7.38 -30.80
N ASN B 229 5.47 6.17 -31.35
CA ASN B 229 6.59 5.30 -31.04
C ASN B 229 7.91 5.88 -31.52
N GLU B 230 7.90 6.53 -32.69
CA GLU B 230 9.11 7.23 -33.15
C GLU B 230 9.49 8.34 -32.18
N TRP B 231 8.50 9.08 -31.69
CA TRP B 231 8.76 10.15 -30.72
C TRP B 231 9.23 9.57 -29.39
N ALA B 232 8.62 8.46 -28.96
CA ALA B 232 8.96 7.87 -27.67
C ALA B 232 10.41 7.47 -27.62
N MET B 233 10.92 6.89 -28.71
CA MET B 233 12.31 6.46 -28.76
C MET B 233 13.27 7.62 -28.58
N ALA B 234 12.87 8.83 -28.97
CA ALA B 234 13.72 10.00 -28.86
C ALA B 234 13.53 10.76 -27.56
N ASN B 235 12.55 10.38 -26.71
CA ASN B 235 12.23 11.21 -25.56
C ASN B 235 12.06 10.40 -24.27
N GLY B 236 12.65 9.21 -24.18
CA GLY B 236 12.65 8.48 -22.94
C GLY B 236 11.37 7.77 -22.58
N TYR B 237 10.57 7.39 -23.58
CA TYR B 237 9.32 6.68 -23.35
C TYR B 237 9.36 5.33 -24.03
N THR B 238 8.66 4.35 -23.46
CA THR B 238 8.51 3.08 -24.14
C THR B 238 7.55 3.19 -25.31
N SER B 239 7.61 2.21 -26.20
CA SER B 239 6.58 2.10 -27.23
C SER B 239 5.24 1.79 -26.60
N VAL B 240 4.17 2.31 -27.19
CA VAL B 240 2.84 1.99 -26.70
C VAL B 240 2.41 0.69 -27.37
N SER B 241 1.70 -0.14 -26.61
CA SER B 241 1.29 -1.46 -27.09
C SER B 241 -0.19 -1.42 -27.44
N SER B 242 -0.51 -1.62 -28.73
CA SER B 242 -1.84 -1.87 -29.29
C SER B 242 -2.95 -0.98 -28.73
N VAL B 243 -3.56 -0.17 -29.59
CA VAL B 243 -4.68 0.65 -29.15
C VAL B 243 -5.81 -0.21 -28.61
N GLU B 244 -5.98 -1.42 -29.17
CA GLU B 244 -7.19 -2.20 -28.92
C GLU B 244 -7.32 -2.63 -27.46
N CYS B 245 -6.22 -2.77 -26.73
CA CYS B 245 -6.38 -3.23 -25.36
C CYS B 245 -7.02 -2.18 -24.47
N TYR B 246 -6.98 -0.89 -24.85
CA TYR B 246 -7.63 0.16 -24.07
C TYR B 246 -9.11 0.33 -24.39
N SER B 247 -9.70 -0.62 -25.13
CA SER B 247 -11.04 -0.41 -25.66
C SER B 247 -12.05 -0.13 -24.56
N ILE B 248 -11.91 -0.77 -23.40
CA ILE B 248 -12.89 -0.57 -22.34
C ILE B 248 -12.85 0.88 -21.84
N LEU B 249 -11.65 1.44 -21.66
CA LEU B 249 -11.57 2.81 -21.17
C LEU B 249 -11.88 3.82 -22.28
N ALA B 250 -11.50 3.51 -23.53
CA ALA B 250 -11.89 4.38 -24.62
C ALA B 250 -13.40 4.41 -24.79
N ALA B 251 -14.06 3.27 -24.63
CA ALA B 251 -15.51 3.20 -24.76
C ALA B 251 -16.21 3.96 -23.64
N LYS B 252 -15.61 3.98 -22.45
CA LYS B 252 -16.25 4.67 -21.33
C LYS B 252 -15.99 6.16 -21.32
N THR B 253 -14.93 6.63 -22.01
CA THR B 253 -14.62 8.05 -22.07
C THR B 253 -14.93 8.70 -23.42
N GLY B 254 -15.09 7.92 -24.48
CA GLY B 254 -15.18 8.51 -25.80
C GLY B 254 -13.90 9.14 -26.32
N VAL B 255 -12.77 8.87 -25.69
CA VAL B 255 -11.49 9.47 -26.05
C VAL B 255 -10.58 8.35 -26.55
N SER B 256 -10.01 8.55 -27.74
CA SER B 256 -9.16 7.52 -28.33
C SER B 256 -7.75 7.57 -27.75
N VAL B 257 -7.07 6.44 -27.80
CA VAL B 257 -5.68 6.39 -27.35
C VAL B 257 -4.84 7.40 -28.09
N GLU B 258 -5.13 7.60 -29.39
CA GLU B 258 -4.33 8.52 -30.19
C GLU B 258 -4.42 9.94 -29.67
N GLN B 259 -5.57 10.33 -29.12
CA GLN B 259 -5.71 11.64 -28.52
C GLN B 259 -4.86 11.76 -27.25
N LEU B 260 -4.72 10.67 -26.51
CA LEU B 260 -3.89 10.69 -25.31
C LEU B 260 -2.41 10.68 -25.66
N LEU B 261 -2.05 9.92 -26.71
CA LEU B 261 -0.66 9.96 -27.17
C LEU B 261 -0.24 11.37 -27.53
N ALA B 262 -1.11 12.10 -28.24
CA ALA B 262 -0.83 13.50 -28.55
C ALA B 262 -0.74 14.33 -27.27
N SER B 263 -1.64 14.05 -26.32
CA SER B 263 -1.58 14.76 -25.04
C SER B 263 -0.26 14.50 -24.32
N ILE B 264 0.25 13.27 -24.36
CA ILE B 264 1.53 12.98 -23.72
C ILE B 264 2.62 13.84 -24.33
N GLN B 265 2.64 13.98 -25.65
CA GLN B 265 3.65 14.81 -26.29
C GLN B 265 3.59 16.25 -25.77
N HIS B 266 2.38 16.79 -25.59
CA HIS B 266 2.23 18.14 -25.07
C HIS B 266 2.69 18.23 -23.62
N LEU B 267 2.25 17.28 -22.80
CA LEU B 267 2.47 17.34 -21.36
C LEU B 267 3.90 16.98 -20.99
N HIS B 268 4.63 16.35 -21.91
CA HIS B 268 6.05 16.11 -21.70
C HIS B 268 6.78 17.41 -21.41
N GLU B 269 6.42 18.49 -22.12
CA GLU B 269 7.08 19.78 -21.98
C GLU B 269 6.61 20.56 -20.76
N GLY B 270 5.77 19.98 -19.90
CA GLY B 270 5.43 20.58 -18.63
C GLY B 270 3.94 20.78 -18.39
N PHE B 271 3.55 20.74 -17.12
CA PHE B 271 2.16 20.97 -16.74
C PHE B 271 1.85 22.45 -16.52
N GLY B 272 2.87 23.29 -16.36
CA GLY B 272 2.69 24.72 -16.30
C GLY B 272 1.87 25.22 -15.12
N GLY B 273 2.16 24.70 -13.93
CA GLY B 273 1.46 25.14 -12.74
C GLY B 273 0.09 24.53 -12.53
N LYS B 274 -0.26 23.50 -13.29
CA LYS B 274 -1.49 22.74 -13.08
C LYS B 274 -1.13 21.33 -12.66
N ASN B 275 -2.15 20.55 -12.30
CA ASN B 275 -1.93 19.18 -11.83
C ASN B 275 -2.96 18.25 -12.46
N ILE B 276 -2.63 16.96 -12.46
CA ILE B 276 -3.51 15.89 -12.92
C ILE B 276 -3.60 14.86 -11.80
N LEU B 277 -4.77 14.79 -11.16
CA LEU B 277 -4.96 13.91 -10.00
C LEU B 277 -3.86 14.13 -8.97
N GLY B 278 -3.55 15.39 -8.71
CA GLY B 278 -2.53 15.73 -7.73
C GLY B 278 -1.10 15.44 -8.14
N TYR B 279 -0.85 15.19 -9.42
CA TYR B 279 0.49 14.96 -9.94
C TYR B 279 0.95 16.18 -10.72
N SER B 280 2.23 16.52 -10.58
CA SER B 280 2.79 17.66 -11.30
C SER B 280 3.53 17.26 -12.57
N SER B 281 3.76 15.97 -12.78
CA SER B 281 4.25 15.44 -14.04
C SER B 281 3.47 14.17 -14.36
N LEU B 282 3.73 13.58 -15.52
CA LEU B 282 2.99 12.39 -15.91
C LEU B 282 3.36 11.21 -15.02
N CYS B 283 2.37 10.37 -14.75
CA CYS B 283 2.51 9.27 -13.81
C CYS B 283 2.40 7.94 -14.54
N ASP B 284 3.44 7.12 -14.42
CA ASP B 284 3.43 5.78 -15.01
C ASP B 284 3.37 4.69 -13.94
N GLU B 285 2.72 4.99 -12.82
CA GLU B 285 2.67 4.08 -11.68
C GLU B 285 1.54 3.07 -11.76
N PHE B 286 0.52 3.30 -12.59
CA PHE B 286 -0.69 2.50 -12.60
C PHE B 286 -0.89 1.87 -13.97
N THR B 287 -1.22 0.57 -13.97
CA THR B 287 -1.50 -0.18 -15.19
C THR B 287 -2.96 0.00 -15.61
N LEU B 288 -3.24 -0.41 -16.84
CA LEU B 288 -4.61 -0.42 -17.34
C LEU B 288 -5.51 -1.27 -16.44
N ALA B 289 -5.04 -2.45 -16.06
CA ALA B 289 -5.81 -3.33 -15.16
C ALA B 289 -6.09 -2.66 -13.82
N GLU B 290 -5.10 -1.99 -13.23
CA GLU B 290 -5.32 -1.32 -11.94
C GLU B 290 -6.36 -0.22 -12.06
N VAL B 291 -6.28 0.57 -13.13
CA VAL B 291 -7.28 1.63 -13.31
C VAL B 291 -8.67 1.02 -13.44
N VAL B 292 -8.80 -0.05 -14.24
CA VAL B 292 -10.11 -0.65 -14.45
C VAL B 292 -10.64 -1.24 -13.15
N LYS B 293 -9.77 -1.89 -12.37
CA LYS B 293 -10.18 -2.51 -11.11
C LYS B 293 -10.59 -1.46 -10.08
N GLN B 294 -9.80 -0.38 -9.96
CA GLN B 294 -10.08 0.63 -8.95
C GLN B 294 -11.26 1.50 -9.31
N MET B 295 -11.60 1.62 -10.59
CA MET B 295 -12.72 2.46 -10.96
C MET B 295 -14.02 1.68 -11.09
N TYR B 296 -13.93 0.40 -11.47
CA TYR B 296 -15.12 -0.38 -11.79
C TYR B 296 -15.23 -1.73 -11.07
N GLY B 297 -14.17 -2.19 -10.40
CA GLY B 297 -14.20 -3.48 -9.74
C GLY B 297 -14.00 -4.67 -10.65
N VAL B 298 -13.64 -4.44 -11.90
CA VAL B 298 -13.51 -5.49 -12.89
C VAL B 298 -12.04 -5.86 -13.11
C11 7YY C . -23.27 3.03 -0.21
C13 7YY C . -24.99 1.26 -0.48
C14 7YY C . -25.54 0.77 -1.69
C15 7YY C . -25.89 -0.60 -1.80
C01 7YY C . -18.13 5.23 -4.30
N02 7YY C . -18.04 4.92 -2.88
C03 7YY C . -16.94 4.99 -2.15
N04 7YY C . -17.26 4.65 -0.88
C05 7YY C . -18.57 4.38 -0.90
C06 7YY C . -19.32 3.96 0.34
N07 7YY C . -20.72 3.63 0.11
C08 7YY C . -21.10 2.39 -0.22
O09 7YY C . -20.16 1.39 -0.41
N10 7YY C . -22.36 2.08 -0.38
N12 7YY C . -24.64 2.67 -0.37
C16 7YY C . -26.46 -1.43 -2.85
N17 7YY C . -26.55 -2.65 -2.37
C18 7YY C . -27.06 -3.81 -3.07
N19 7YY C . -26.11 -2.69 -1.11
C20 7YY C . -25.69 -1.46 -0.73
C21 7YY C . -25.15 -0.97 0.47
C22 7YY C . -24.81 0.37 0.60
CL2 7YY C . -24.11 0.89 2.13
N24 7YY C . -22.92 4.27 0.13
C25 7YY C . -23.94 5.29 0.30
C26 7YY C . -24.24 5.49 1.78
C27 7YY C . -25.10 6.51 2.13
F28 7YY C . -25.63 7.25 1.12
C29 7YY C . -25.41 6.75 3.46
C30 7YY C . -24.84 5.95 4.44
F31 7YY C . -25.10 6.12 5.77
C32 7YY C . -23.98 4.93 4.09
F33 7YY C . -23.43 4.18 5.09
C34 7YY C . -23.67 4.68 2.76
C35 7YY C . -21.63 4.58 0.28
O36 7YY C . -21.28 5.68 0.57
N37 7YY C . -19.06 4.55 -2.10
C11 7YY D . 21.78 -7.98 2.86
C13 7YY D . 22.61 -9.49 4.68
C14 7YY D . 23.09 -9.14 5.95
C15 7YY D . 22.84 -9.97 7.07
C01 7YY D . 19.16 -1.66 2.64
N02 7YY D . 18.62 -2.81 1.95
C03 7YY D . 17.54 -2.84 1.21
N04 7YY D . 17.36 -4.10 0.74
C05 7YY D . 18.36 -4.82 1.28
C06 7YY D . 18.56 -6.30 1.02
N07 7YY D . 19.73 -6.87 1.68
C08 7YY D . 19.58 -7.46 2.86
O09 7YY D . 18.34 -7.49 3.48
N10 7YY D . 20.61 -8.01 3.45
N12 7YY D . 22.89 -8.61 3.56
C16 7YY D . 23.17 -9.94 8.48
N17 7YY D . 22.66 -11.02 9.01
C18 7YY D . 22.73 -11.39 10.41
N19 7YY D . 22.04 -11.74 8.09
C20 7YY D . 22.12 -11.15 6.90
C21 7YY D . 21.62 -11.50 5.64
C22 7YY D . 21.87 -10.68 4.54
CL2 7YY D . 21.19 -11.23 2.98
N24 7YY D . 21.95 -7.39 1.69
C25 7YY D . 23.26 -7.38 1.05
C26 7YY D . 23.35 -8.44 -0.05
C27 7YY D . 24.49 -8.47 -0.83
F28 7YY D . 25.48 -7.58 -0.61
C29 7YY D . 24.64 -9.40 -1.85
C30 7YY D . 23.63 -10.30 -2.08
F31 7YY D . 23.76 -11.23 -3.08
C32 7YY D . 22.48 -10.29 -1.32
F33 7YY D . 21.50 -11.22 -1.59
C34 7YY D . 22.32 -9.36 -0.29
C35 7YY D . 20.92 -6.84 1.08
O36 7YY D . 21.04 -6.31 0.01
N37 7YY D . 19.14 -4.05 2.00
#